data_3LLX
#
_entry.id   3LLX
#
_cell.length_a   109.557
_cell.length_b   109.557
_cell.length_c   173.321
_cell.angle_alpha   90.000
_cell.angle_beta   90.000
_cell.angle_gamma   90.000
#
_symmetry.space_group_name_H-M   'I 4 2 2'
#
loop_
_entity.id
_entity.type
_entity.pdbx_description
1 polymer 'Predicted amino acid aldolase or racemase'
2 non-polymer 'ZINC ION'
3 non-polymer 'CHLORIDE ION'
4 non-polymer 2-AMINO-2-HYDROXYMETHYL-PROPANE-1,3-DIOL
5 non-polymer 1,2-ETHANEDIOL
6 water water
#
_entity_poly.entity_id   1
_entity_poly.type   'polypeptide(L)'
_entity_poly.pdbx_seq_one_letter_code
;G(MSE)KSAPDWIAHPDTPYLLIDEAKLKSNINYLKQRVESLGSHLRPHL(LLP)TLRTLEAAGYLLDSKSAPATVSTLA
EAEAYAKAGYTDLLYAVGIAPAKLKRVAALRQQGINLHILLDNITQAQAVVDYAAEFGQDFSVFIEIDSDDHRGGIKPSD
SKLLTIAKTLGEHFTGL(MSE)THAGGSYACNTEQGLKNFAKQECDAVRIARNNLETAGIHCAITSVGSTPTAHFGEDFS
DISEVRAGVYTTFDLV(MSE)KNIGVCDFSHIA(MSE)SVVTTVIGHNKEKNWLLTDSGW(MSE)ALSRDSGTAGQNRDF
GYGQVCKIDGSVLDGLCVNSTSQEHGVIELSDAYQLEDFPVGHQLRI(MSE)PNHACATAA(MSE)HPVYHVL(MSE)SD
GSHNTWQRITGW
;
_entity_poly.pdbx_strand_id   A
#
# COMPACT_ATOMS: atom_id res chain seq x y z
N SER A 4 24.20 10.91 11.12
CA SER A 4 24.39 9.66 11.95
C SER A 4 23.03 9.22 12.51
N ALA A 5 22.72 7.94 12.35
CA ALA A 5 21.48 7.37 12.87
C ALA A 5 21.63 7.30 14.40
N PRO A 6 20.51 7.27 15.16
CA PRO A 6 20.68 7.11 16.62
C PRO A 6 21.35 5.82 17.00
N ASP A 7 22.03 5.85 18.16
CA ASP A 7 22.79 4.71 18.64
C ASP A 7 21.92 3.47 18.82
N TRP A 8 20.62 3.66 19.10
CA TRP A 8 19.81 2.52 19.40
C TRP A 8 19.50 1.61 18.21
N ILE A 9 19.77 2.07 17.00
N ILE A 9 19.77 2.08 17.00
CA ILE A 9 19.57 1.20 15.83
CA ILE A 9 19.57 1.23 15.83
C ILE A 9 20.37 -0.10 16.01
C ILE A 9 20.37 -0.07 15.98
N ALA A 10 21.49 -0.01 16.69
CA ALA A 10 22.35 -1.17 16.93
C ALA A 10 21.89 -2.09 18.06
N HIS A 11 20.79 -1.76 18.74
CA HIS A 11 20.35 -2.53 19.91
C HIS A 11 19.49 -3.76 19.63
N PRO A 12 18.41 -3.67 18.81
CA PRO A 12 17.53 -4.85 18.63
C PRO A 12 18.24 -5.92 17.82
N ASP A 13 17.98 -7.19 18.12
CA ASP A 13 18.55 -8.21 17.26
C ASP A 13 17.95 -8.12 15.84
N THR A 14 18.77 -8.47 14.86
CA THR A 14 18.42 -8.41 13.47
C THR A 14 17.92 -9.77 12.94
N PRO A 15 17.24 -9.77 11.79
CA PRO A 15 16.82 -8.58 11.06
C PRO A 15 15.56 -7.97 11.66
N TYR A 16 15.37 -6.67 11.43
CA TYR A 16 14.15 -6.00 11.86
C TYR A 16 13.77 -4.89 10.91
N LEU A 17 12.50 -4.49 10.91
CA LEU A 17 12.00 -3.46 10.04
C LEU A 17 12.08 -2.11 10.73
N LEU A 18 12.55 -1.11 10.01
CA LEU A 18 12.75 0.25 10.53
C LEU A 18 12.00 1.26 9.66
N ILE A 19 11.13 2.04 10.30
CA ILE A 19 10.34 3.09 9.64
C ILE A 19 10.88 4.46 10.10
N ASP A 20 11.17 5.34 9.16
CA ASP A 20 11.61 6.71 9.43
C ASP A 20 10.40 7.62 9.53
N GLU A 21 10.05 8.02 10.74
CA GLU A 21 8.82 8.83 10.98
C GLU A 21 8.85 10.18 10.23
N ALA A 22 9.99 10.89 10.24
CA ALA A 22 10.09 12.17 9.57
C ALA A 22 9.77 12.03 8.07
N LYS A 23 10.26 10.98 7.45
N LYS A 23 10.34 11.02 7.44
CA LYS A 23 9.97 10.80 6.02
CA LYS A 23 10.17 10.84 5.98
C LYS A 23 8.53 10.36 5.82
C LYS A 23 8.71 10.50 5.70
N LEU A 24 8.04 9.43 6.64
N LEU A 24 8.12 9.67 6.55
CA LEU A 24 6.62 9.10 6.63
CA LEU A 24 6.72 9.24 6.44
C LEU A 24 5.77 10.38 6.62
C LEU A 24 5.75 10.40 6.62
N LYS A 25 6.00 11.26 7.60
CA LYS A 25 5.19 12.45 7.76
C LYS A 25 5.29 13.36 6.50
N SER A 26 6.49 13.51 5.95
N SER A 26 6.49 13.52 5.95
CA SER A 26 6.68 14.33 4.75
CA SER A 26 6.62 14.40 4.77
C SER A 26 5.87 13.76 3.58
C SER A 26 6.00 13.79 3.49
N ASN A 27 6.03 12.47 3.37
CA ASN A 27 5.33 11.80 2.24
C ASN A 27 3.80 11.98 2.35
N ILE A 28 3.30 11.83 3.57
CA ILE A 28 1.87 11.97 3.84
C ILE A 28 1.38 13.40 3.61
N ASN A 29 2.15 14.37 4.09
CA ASN A 29 1.78 15.78 3.96
C ASN A 29 1.74 16.16 2.48
N TYR A 30 2.72 15.69 1.71
CA TYR A 30 2.79 16.07 0.29
C TYR A 30 1.53 15.69 -0.45
N LEU A 31 1.08 14.44 -0.29
CA LEU A 31 -0.07 13.96 -1.08
C LEU A 31 -1.35 14.63 -0.59
N LYS A 32 -1.52 14.77 0.72
CA LYS A 32 -2.70 15.46 1.23
C LYS A 32 -2.84 16.85 0.61
N GLN A 33 -1.77 17.63 0.65
N GLN A 33 -1.77 17.63 0.66
CA GLN A 33 -1.84 18.98 0.12
CA GLN A 33 -1.78 18.98 0.08
C GLN A 33 -2.06 18.98 -1.41
C GLN A 33 -2.14 18.91 -1.39
N ARG A 34 -1.49 17.99 -2.11
CA ARG A 34 -1.62 17.92 -3.57
C ARG A 34 -3.08 17.62 -3.96
N VAL A 35 -3.64 16.55 -3.42
CA VAL A 35 -5.00 16.14 -3.78
C VAL A 35 -5.99 17.22 -3.36
N GLU A 36 -5.84 17.82 -2.20
CA GLU A 36 -6.77 18.86 -1.78
C GLU A 36 -6.67 20.09 -2.69
N SER A 37 -5.48 20.41 -3.15
CA SER A 37 -5.30 21.54 -4.09
C SER A 37 -5.95 21.27 -5.45
N LEU A 38 -6.16 20.00 -5.79
CA LEU A 38 -6.79 19.60 -7.02
C LEU A 38 -8.28 19.32 -6.86
N GLY A 39 -8.86 19.76 -5.74
CA GLY A 39 -10.29 19.77 -5.60
C GLY A 39 -10.94 18.48 -5.12
N SER A 40 -10.18 17.58 -4.49
CA SER A 40 -10.73 16.35 -3.96
C SER A 40 -10.18 16.14 -2.52
N HIS A 41 -10.32 14.92 -2.00
N HIS A 41 -10.29 14.91 -2.04
CA HIS A 41 -9.72 14.57 -0.71
CA HIS A 41 -9.87 14.55 -0.69
C HIS A 41 -9.40 13.10 -0.70
C HIS A 41 -9.34 13.12 -0.76
N LEU A 42 -8.55 12.71 0.23
CA LEU A 42 -8.07 11.37 0.30
C LEU A 42 -9.00 10.46 1.10
N ARG A 43 -9.03 9.19 0.67
CA ARG A 43 -9.42 8.05 1.51
C ARG A 43 -8.19 7.16 1.57
N PRO A 44 -7.25 7.47 2.50
CA PRO A 44 -6.02 6.70 2.50
C PRO A 44 -6.25 5.20 2.71
N HIS A 45 -5.37 4.40 2.09
CA HIS A 45 -5.38 2.95 2.25
C HIS A 45 -4.40 2.56 3.33
N LEU A 46 -4.89 1.79 4.29
CA LEU A 46 -4.11 1.35 5.44
C LEU A 46 -3.32 0.07 5.23
N THR A 48 -0.65 -0.96 3.46
CA THR A 48 0.80 -1.07 3.36
C THR A 48 1.39 -1.34 4.73
N LEU A 49 0.97 -0.58 5.74
N LEU A 49 1.03 -0.55 5.75
CA LEU A 49 1.56 -0.65 7.07
CA LEU A 49 1.62 -0.75 7.08
C LEU A 49 0.71 -1.46 8.06
C LEU A 49 0.72 -1.50 8.06
N ARG A 50 -0.60 -1.37 7.96
CA ARG A 50 -1.48 -2.16 8.82
C ARG A 50 -1.12 -2.06 10.28
N THR A 51 -0.88 -0.83 10.75
CA THR A 51 -0.78 -0.55 12.16
C THR A 51 -1.82 0.45 12.62
N LEU A 52 -2.17 0.43 13.91
CA LEU A 52 -3.09 1.45 14.43
C LEU A 52 -2.45 2.83 14.31
N GLU A 53 -1.12 2.92 14.54
CA GLU A 53 -0.44 4.20 14.50
C GLU A 53 -0.49 4.82 13.13
N ALA A 54 -0.42 4.03 12.07
CA ALA A 54 -0.48 4.58 10.72
C ALA A 54 -1.74 5.33 10.43
N ALA A 55 -2.87 4.86 10.94
CA ALA A 55 -4.14 5.56 10.75
C ALA A 55 -4.11 6.92 11.38
N GLY A 56 -3.43 7.09 12.52
CA GLY A 56 -3.33 8.42 13.10
C GLY A 56 -2.53 9.38 12.25
N TYR A 57 -1.49 8.92 11.57
CA TYR A 57 -0.75 9.80 10.66
C TYR A 57 -1.54 10.17 9.40
N LEU A 58 -2.35 9.23 8.92
CA LEU A 58 -3.03 9.34 7.63
C LEU A 58 -4.39 10.03 7.70
N LEU A 59 -5.07 9.96 8.85
CA LEU A 59 -6.45 10.42 8.96
C LEU A 59 -6.57 11.63 9.90
N ASP A 60 -7.37 12.61 9.49
N ASP A 60 -7.36 12.62 9.53
CA ASP A 60 -7.57 13.83 10.25
CA ASP A 60 -7.48 13.83 10.35
C ASP A 60 -8.34 13.61 11.55
C ASP A 60 -8.46 13.68 11.53
N SER A 61 -9.21 12.58 11.58
CA SER A 61 -10.04 12.26 12.74
C SER A 61 -10.49 10.79 12.63
N LYS A 62 -11.12 10.30 13.68
CA LYS A 62 -11.61 8.93 13.74
C LYS A 62 -12.75 8.72 12.76
N SER A 63 -13.45 9.79 12.33
CA SER A 63 -14.51 9.64 11.37
C SER A 63 -14.07 9.83 9.90
N ALA A 64 -12.79 10.17 9.70
CA ALA A 64 -12.30 10.41 8.33
C ALA A 64 -12.33 9.12 7.52
N PRO A 65 -12.75 9.19 6.25
N PRO A 65 -12.61 9.23 6.21
CA PRO A 65 -12.73 7.99 5.41
CA PRO A 65 -12.68 8.00 5.42
C PRO A 65 -11.37 7.31 5.24
C PRO A 65 -11.34 7.30 5.24
N ALA A 66 -11.36 5.97 5.37
CA ALA A 66 -10.18 5.14 5.15
C ALA A 66 -10.53 3.90 4.35
N THR A 67 -9.50 3.25 3.83
CA THR A 67 -9.61 2.00 3.07
C THR A 67 -8.85 0.92 3.82
N VAL A 68 -9.40 -0.29 3.82
CA VAL A 68 -8.77 -1.50 4.38
C VAL A 68 -8.86 -2.66 3.39
N SER A 69 -7.96 -3.63 3.55
CA SER A 69 -7.84 -4.73 2.60
C SER A 69 -8.35 -6.05 3.16
N THR A 70 -8.73 -6.06 4.44
CA THR A 70 -9.19 -7.27 5.15
C THR A 70 -10.17 -6.90 6.23
N LEU A 71 -10.98 -7.86 6.64
CA LEU A 71 -11.85 -7.65 7.80
C LEU A 71 -11.05 -7.72 9.13
N ALA A 72 -9.86 -8.32 9.13
CA ALA A 72 -8.95 -8.20 10.26
C ALA A 72 -8.60 -6.74 10.47
N GLU A 73 -8.23 -6.04 9.41
CA GLU A 73 -7.98 -4.60 9.54
C GLU A 73 -9.25 -3.88 9.99
N ALA A 74 -10.39 -4.17 9.33
CA ALA A 74 -11.61 -3.45 9.65
C ALA A 74 -11.94 -3.57 11.15
N GLU A 75 -11.85 -4.77 11.67
CA GLU A 75 -12.17 -5.03 13.08
C GLU A 75 -11.19 -4.30 14.02
N ALA A 76 -9.89 -4.31 13.68
CA ALA A 76 -8.89 -3.64 14.53
C ALA A 76 -9.08 -2.12 14.54
N TYR A 77 -9.27 -1.54 13.37
CA TYR A 77 -9.45 -0.09 13.31
C TYR A 77 -10.79 0.29 13.93
N ALA A 78 -11.85 -0.50 13.77
CA ALA A 78 -13.11 -0.21 14.41
C ALA A 78 -12.96 -0.22 15.94
N LYS A 79 -12.24 -1.19 16.47
CA LYS A 79 -12.03 -1.25 17.90
C LYS A 79 -11.31 0.00 18.42
N ALA A 80 -10.41 0.53 17.58
CA ALA A 80 -9.67 1.74 17.89
C ALA A 80 -10.49 3.02 17.71
N GLY A 81 -11.73 2.90 17.25
CA GLY A 81 -12.62 4.04 17.10
C GLY A 81 -12.85 4.62 15.72
N TYR A 82 -12.28 4.00 14.68
CA TYR A 82 -12.44 4.51 13.31
C TYR A 82 -13.77 4.02 12.77
N THR A 83 -14.57 4.92 12.19
CA THR A 83 -15.97 4.62 11.84
C THR A 83 -16.33 4.70 10.36
N ASP A 84 -15.34 4.97 9.49
CA ASP A 84 -15.62 5.06 8.04
C ASP A 84 -14.56 4.30 7.25
N LEU A 85 -14.89 3.05 6.91
CA LEU A 85 -13.90 2.08 6.45
C LEU A 85 -14.46 1.37 5.21
N LEU A 86 -13.78 1.50 4.09
CA LEU A 86 -14.10 0.78 2.87
C LEU A 86 -13.24 -0.47 2.80
N TYR A 87 -13.91 -1.62 2.86
CA TYR A 87 -13.24 -2.91 2.70
C TYR A 87 -13.16 -3.15 1.18
N ALA A 88 -12.00 -2.84 0.59
CA ALA A 88 -11.85 -2.76 -0.83
C ALA A 88 -11.29 -4.03 -1.49
N VAL A 89 -12.01 -5.13 -1.29
CA VAL A 89 -11.75 -6.39 -1.96
C VAL A 89 -13.11 -7.00 -2.24
N GLY A 90 -13.33 -7.49 -3.45
CA GLY A 90 -14.62 -8.08 -3.82
C GLY A 90 -15.14 -8.99 -2.72
N ILE A 91 -16.40 -8.78 -2.32
CA ILE A 91 -16.93 -9.42 -1.11
C ILE A 91 -17.26 -10.93 -1.33
N ALA A 92 -16.85 -11.76 -0.38
CA ALA A 92 -17.31 -13.13 -0.29
C ALA A 92 -18.62 -13.14 0.48
N PRO A 93 -19.65 -13.79 -0.06
CA PRO A 93 -20.94 -13.80 0.64
C PRO A 93 -20.88 -14.27 2.10
N ALA A 94 -19.99 -15.20 2.44
CA ALA A 94 -19.93 -15.68 3.82
C ALA A 94 -19.41 -14.62 4.78
N LYS A 95 -18.80 -13.54 4.27
CA LYS A 95 -18.34 -12.46 5.11
C LYS A 95 -19.41 -11.43 5.43
N LEU A 96 -20.59 -11.52 4.80
CA LEU A 96 -21.63 -10.52 5.09
C LEU A 96 -22.03 -10.45 6.57
N LYS A 97 -22.07 -11.57 7.27
N LYS A 97 -22.06 -11.58 7.26
CA LYS A 97 -22.41 -11.53 8.71
CA LYS A 97 -22.37 -11.59 8.71
C LYS A 97 -21.36 -10.75 9.54
C LYS A 97 -21.37 -10.75 9.53
N ARG A 98 -20.08 -10.79 9.15
CA ARG A 98 -19.05 -10.01 9.86
C ARG A 98 -19.16 -8.53 9.55
N VAL A 99 -19.55 -8.23 8.30
CA VAL A 99 -19.77 -6.82 7.89
C VAL A 99 -20.97 -6.29 8.66
N ALA A 100 -22.03 -7.07 8.71
CA ALA A 100 -23.23 -6.68 9.43
C ALA A 100 -22.93 -6.41 10.91
N ALA A 101 -22.14 -7.28 11.53
CA ALA A 101 -21.76 -7.10 12.94
C ALA A 101 -21.07 -5.75 13.18
N LEU A 102 -20.17 -5.35 12.27
N LEU A 102 -20.19 -5.33 12.27
CA LEU A 102 -19.51 -4.04 12.41
CA LEU A 102 -19.51 -4.03 12.44
C LEU A 102 -20.51 -2.88 12.24
C LEU A 102 -20.48 -2.86 12.21
N ARG A 103 -21.40 -3.00 11.26
CA ARG A 103 -22.35 -1.95 10.99
C ARG A 103 -23.31 -1.79 12.19
N GLN A 104 -23.65 -2.89 12.86
N GLN A 104 -23.71 -2.91 12.80
CA GLN A 104 -24.45 -2.83 14.09
CA GLN A 104 -24.54 -2.87 14.01
C GLN A 104 -23.73 -2.20 15.30
C GLN A 104 -23.85 -2.07 15.12
N GLN A 105 -22.41 -2.11 15.21
N GLN A 105 -22.52 -2.16 15.16
CA GLN A 105 -21.60 -1.41 16.22
CA GLN A 105 -21.63 -1.48 16.13
C GLN A 105 -21.43 0.08 15.90
C GLN A 105 -21.28 -0.03 15.76
N GLY A 106 -22.01 0.54 14.80
CA GLY A 106 -21.86 1.94 14.42
C GLY A 106 -20.72 2.27 13.47
N ILE A 107 -20.18 1.24 12.85
CA ILE A 107 -19.10 1.41 11.89
C ILE A 107 -19.70 1.50 10.48
N ASN A 108 -19.43 2.59 9.77
CA ASN A 108 -19.83 2.68 8.36
C ASN A 108 -18.83 1.88 7.53
N LEU A 109 -19.01 0.56 7.53
N LEU A 109 -18.97 0.56 7.57
CA LEU A 109 -18.16 -0.35 6.81
CA LEU A 109 -18.16 -0.36 6.81
C LEU A 109 -18.74 -0.59 5.43
C LEU A 109 -18.80 -0.47 5.44
N HIS A 110 -18.06 -0.08 4.41
CA HIS A 110 -18.48 -0.23 3.03
C HIS A 110 -17.87 -1.48 2.42
N ILE A 111 -18.58 -2.14 1.50
CA ILE A 111 -18.08 -3.29 0.79
C ILE A 111 -18.02 -2.98 -0.71
N LEU A 112 -17.39 -3.89 -1.43
CA LEU A 112 -17.08 -3.80 -2.84
C LEU A 112 -17.54 -5.05 -3.57
N LEU A 113 -18.17 -4.86 -4.71
CA LEU A 113 -18.61 -5.97 -5.54
C LEU A 113 -18.64 -5.63 -7.03
N ASP A 114 -18.69 -6.67 -7.85
CA ASP A 114 -18.77 -6.50 -9.31
C ASP A 114 -19.62 -7.53 -10.04
N ASN A 115 -20.47 -8.23 -9.31
N ASN A 115 -20.44 -8.30 -9.31
CA ASN A 115 -21.29 -9.21 -9.96
CA ASN A 115 -21.16 -9.48 -9.85
C ASN A 115 -22.63 -9.43 -9.31
C ASN A 115 -22.60 -9.47 -9.30
N ILE A 116 -23.55 -9.88 -10.15
CA ILE A 116 -24.95 -9.96 -9.73
C ILE A 116 -25.15 -10.93 -8.56
N THR A 117 -24.34 -12.00 -8.50
N THR A 117 -24.36 -11.99 -8.46
CA THR A 117 -24.38 -12.95 -7.37
CA THR A 117 -24.60 -12.90 -7.35
C THR A 117 -24.14 -12.26 -6.04
C THR A 117 -24.13 -12.30 -5.99
N GLN A 118 -23.11 -11.43 -5.98
CA GLN A 118 -22.79 -10.67 -4.78
C GLN A 118 -23.92 -9.70 -4.45
N ALA A 119 -24.43 -8.99 -5.45
CA ALA A 119 -25.49 -8.01 -5.21
C ALA A 119 -26.73 -8.70 -4.66
N GLN A 120 -27.10 -9.84 -5.22
CA GLN A 120 -28.24 -10.60 -4.71
C GLN A 120 -28.02 -11.10 -3.29
N ALA A 121 -26.81 -11.53 -2.97
CA ALA A 121 -26.47 -11.92 -1.59
C ALA A 121 -26.66 -10.78 -0.61
N VAL A 122 -26.24 -9.57 -0.99
CA VAL A 122 -26.47 -8.39 -0.13
C VAL A 122 -27.97 -8.16 0.09
N VAL A 123 -28.75 -8.14 -1.01
CA VAL A 123 -30.19 -7.90 -0.96
C VAL A 123 -30.88 -8.99 -0.10
N ASP A 124 -30.49 -10.25 -0.28
CA ASP A 124 -31.08 -11.34 0.48
C ASP A 124 -30.74 -11.24 1.97
N TYR A 125 -29.51 -10.85 2.29
CA TYR A 125 -29.10 -10.67 3.68
C TYR A 125 -29.93 -9.54 4.32
N ALA A 126 -30.02 -8.44 3.60
CA ALA A 126 -30.75 -7.25 4.07
C ALA A 126 -32.18 -7.61 4.40
N ALA A 127 -32.81 -8.40 3.51
CA ALA A 127 -34.21 -8.82 3.67
C ALA A 127 -34.37 -9.75 4.87
N GLU A 128 -33.48 -10.72 5.01
CA GLU A 128 -33.60 -11.73 6.06
C GLU A 128 -33.32 -11.15 7.45
N PHE A 129 -32.32 -10.27 7.56
CA PHE A 129 -31.84 -9.82 8.87
C PHE A 129 -32.15 -8.35 9.15
N GLY A 130 -32.76 -7.66 8.21
CA GLY A 130 -33.11 -6.26 8.40
C GLY A 130 -31.88 -5.37 8.45
N GLN A 131 -30.87 -5.67 7.64
CA GLN A 131 -29.55 -5.04 7.73
C GLN A 131 -29.30 -4.10 6.54
N ASP A 132 -28.91 -2.85 6.82
CA ASP A 132 -28.49 -1.92 5.78
C ASP A 132 -27.02 -2.17 5.44
N PHE A 133 -26.67 -1.94 4.16
CA PHE A 133 -25.31 -2.03 3.69
C PHE A 133 -24.95 -0.77 2.89
N SER A 134 -23.65 -0.51 2.76
CA SER A 134 -23.12 0.53 1.91
C SER A 134 -22.18 -0.15 0.92
N VAL A 135 -22.49 -0.05 -0.35
CA VAL A 135 -21.86 -0.88 -1.39
C VAL A 135 -21.30 -0.07 -2.56
N PHE A 136 -20.03 -0.28 -2.86
CA PHE A 136 -19.40 0.24 -4.07
C PHE A 136 -19.37 -0.84 -5.12
N ILE A 137 -19.57 -0.45 -6.36
CA ILE A 137 -19.35 -1.29 -7.51
C ILE A 137 -17.95 -1.02 -8.04
N GLU A 138 -17.16 -2.09 -8.19
CA GLU A 138 -15.83 -1.96 -8.76
C GLU A 138 -15.90 -1.75 -10.26
N ILE A 139 -15.14 -0.76 -10.76
CA ILE A 139 -15.00 -0.47 -12.18
C ILE A 139 -13.61 -0.91 -12.66
N ASP A 140 -13.56 -1.57 -13.81
CA ASP A 140 -12.30 -2.02 -14.43
C ASP A 140 -11.76 -0.83 -15.22
N SER A 141 -10.66 -0.25 -14.74
CA SER A 141 -10.01 0.87 -15.42
C SER A 141 -8.73 0.50 -16.13
N ASP A 142 -8.17 -0.67 -15.86
CA ASP A 142 -6.82 -1.01 -16.34
C ASP A 142 -6.65 -2.40 -16.95
N ASP A 143 -7.76 -3.14 -17.05
N ASP A 143 -7.74 -3.12 -16.99
CA ASP A 143 -7.80 -4.47 -17.72
CA ASP A 143 -7.73 -4.46 -17.53
C ASP A 143 -7.00 -5.55 -16.99
C ASP A 143 -6.87 -5.48 -16.75
N HIS A 144 -6.65 -5.29 -15.71
N HIS A 144 -6.44 -5.25 -15.47
CA HIS A 144 -5.74 -6.15 -14.92
CA HIS A 144 -5.59 -6.18 -14.79
C HIS A 144 -6.38 -7.02 -13.83
C HIS A 144 -6.26 -6.90 -13.64
N ARG A 145 -7.49 -6.54 -13.29
CA ARG A 145 -8.09 -7.13 -12.08
C ARG A 145 -9.59 -7.27 -12.24
N GLY A 146 -10.33 -7.09 -11.15
CA GLY A 146 -11.78 -7.19 -11.19
C GLY A 146 -12.42 -5.89 -11.67
N GLY A 147 -13.73 -5.83 -11.45
CA GLY A 147 -14.51 -4.68 -11.87
C GLY A 147 -15.24 -4.83 -13.19
N ILE A 148 -16.27 -4.00 -13.34
CA ILE A 148 -17.15 -3.94 -14.52
C ILE A 148 -16.59 -2.89 -15.46
N LYS A 149 -16.58 -3.16 -16.77
N LYS A 149 -16.57 -3.16 -16.76
CA LYS A 149 -16.23 -2.12 -17.73
CA LYS A 149 -16.21 -2.12 -17.74
C LYS A 149 -17.31 -1.05 -17.71
C LYS A 149 -17.30 -1.06 -17.73
N PRO A 150 -16.93 0.24 -17.89
CA PRO A 150 -17.94 1.30 -17.82
C PRO A 150 -19.12 1.18 -18.76
N SER A 151 -18.91 0.52 -19.89
CA SER A 151 -19.96 0.34 -20.90
C SER A 151 -20.78 -0.95 -20.77
N ASP A 152 -20.51 -1.78 -19.77
CA ASP A 152 -21.18 -3.05 -19.62
C ASP A 152 -22.59 -2.78 -19.05
N SER A 153 -23.62 -3.26 -19.74
CA SER A 153 -24.98 -3.02 -19.30
C SER A 153 -25.26 -3.61 -17.91
N LYS A 154 -24.46 -4.57 -17.46
CA LYS A 154 -24.71 -5.13 -16.13
C LYS A 154 -24.37 -4.15 -15.01
N LEU A 155 -23.64 -3.08 -15.33
CA LEU A 155 -23.42 -2.03 -14.34
C LEU A 155 -24.77 -1.49 -13.86
N LEU A 156 -25.66 -1.26 -14.83
CA LEU A 156 -27.00 -0.71 -14.52
C LEU A 156 -27.84 -1.71 -13.70
N THR A 157 -27.84 -2.97 -14.15
CA THR A 157 -28.58 -4.04 -13.49
C THR A 157 -28.16 -4.24 -12.03
N ILE A 158 -26.86 -4.28 -11.85
CA ILE A 158 -26.32 -4.46 -10.51
C ILE A 158 -26.62 -3.28 -9.59
N ALA A 159 -26.42 -2.05 -10.05
CA ALA A 159 -26.75 -0.87 -9.24
C ALA A 159 -28.22 -0.82 -8.88
N LYS A 160 -29.09 -1.13 -9.83
CA LYS A 160 -30.52 -1.14 -9.57
C LYS A 160 -30.88 -2.19 -8.54
N THR A 161 -30.28 -3.37 -8.64
CA THR A 161 -30.54 -4.44 -7.70
C THR A 161 -30.21 -4.01 -6.26
N LEU A 162 -29.12 -3.26 -6.10
CA LEU A 162 -28.68 -2.80 -4.79
C LEU A 162 -29.58 -1.75 -4.18
N GLY A 163 -30.30 -1.01 -5.00
CA GLY A 163 -31.21 0.02 -4.49
C GLY A 163 -30.57 0.96 -3.48
N GLU A 164 -31.18 1.07 -2.30
CA GLU A 164 -30.70 1.99 -1.28
C GLU A 164 -29.30 1.68 -0.76
N HIS A 165 -28.83 0.43 -0.97
CA HIS A 165 -27.50 0.03 -0.50
C HIS A 165 -26.36 0.51 -1.42
N PHE A 166 -26.69 0.99 -2.62
CA PHE A 166 -25.68 1.47 -3.57
C PHE A 166 -25.10 2.82 -3.19
N THR A 167 -23.80 2.85 -2.95
CA THR A 167 -23.10 4.07 -2.51
C THR A 167 -22.27 4.75 -3.62
N GLY A 168 -21.70 3.96 -4.52
CA GLY A 168 -20.93 4.54 -5.59
C GLY A 168 -19.98 3.60 -6.29
N LEU A 169 -18.97 4.20 -6.91
CA LEU A 169 -18.07 3.52 -7.84
C LEU A 169 -16.63 3.63 -7.37
N THR A 171 -12.48 2.37 -8.42
CA THR A 171 -11.48 1.71 -9.26
C THR A 171 -10.09 1.87 -8.66
N HIS A 172 -9.23 0.88 -8.96
CA HIS A 172 -7.79 0.94 -8.69
C HIS A 172 -7.03 0.66 -9.96
N ALA A 173 -6.27 1.66 -10.43
CA ALA A 173 -5.44 1.50 -11.63
C ALA A 173 -4.05 1.04 -11.25
N GLY A 174 -3.97 -0.16 -10.74
CA GLY A 174 -2.68 -0.80 -10.40
C GLY A 174 -1.80 -0.98 -11.64
N GLY A 175 -2.41 -1.02 -12.81
CA GLY A 175 -1.62 -1.09 -14.05
C GLY A 175 -0.71 0.10 -14.31
N SER A 176 -0.98 1.20 -13.60
CA SER A 176 -0.13 2.37 -13.71
C SER A 176 1.30 2.07 -13.23
N TYR A 177 1.48 0.97 -12.51
CA TYR A 177 2.80 0.56 -12.07
C TYR A 177 3.75 0.19 -13.20
N ALA A 178 3.21 -0.02 -14.39
CA ALA A 178 4.02 -0.30 -15.59
C ALA A 178 4.64 0.97 -16.16
N CYS A 179 4.21 2.13 -15.67
CA CYS A 179 4.67 3.41 -16.23
C CYS A 179 6.03 3.79 -15.71
N ASN A 180 6.77 4.59 -16.48
CA ASN A 180 8.02 5.18 -15.99
C ASN A 180 8.37 6.56 -16.57
N THR A 181 7.36 7.25 -17.09
CA THR A 181 7.51 8.63 -17.56
C THR A 181 6.37 9.46 -17.01
N GLU A 182 6.63 10.76 -16.87
CA GLU A 182 5.64 11.70 -16.35
C GLU A 182 4.38 11.72 -17.24
N GLN A 183 4.54 11.77 -18.56
CA GLN A 183 3.35 11.84 -19.42
C GLN A 183 2.56 10.53 -19.36
N GLY A 184 3.25 9.41 -19.30
CA GLY A 184 2.57 8.11 -19.19
C GLY A 184 1.75 8.05 -17.92
N LEU A 185 2.30 8.56 -16.83
CA LEU A 185 1.57 8.58 -15.56
C LEU A 185 0.39 9.52 -15.60
N LYS A 186 0.57 10.73 -16.15
CA LYS A 186 -0.57 11.65 -16.30
C LYS A 186 -1.68 10.99 -17.12
N ASN A 187 -1.31 10.34 -18.21
CA ASN A 187 -2.28 9.68 -19.06
C ASN A 187 -3.02 8.55 -18.32
N PHE A 188 -2.26 7.75 -17.57
CA PHE A 188 -2.87 6.65 -16.81
C PHE A 188 -3.84 7.16 -15.74
N ALA A 189 -3.48 8.26 -15.06
CA ALA A 189 -4.39 8.85 -14.10
C ALA A 189 -5.66 9.33 -14.77
N LYS A 190 -5.54 9.92 -15.96
CA LYS A 190 -6.72 10.35 -16.71
C LYS A 190 -7.57 9.14 -17.14
N GLN A 191 -6.94 8.05 -17.54
CA GLN A 191 -7.67 6.83 -17.90
C GLN A 191 -8.48 6.29 -16.71
N GLU A 192 -7.84 6.30 -15.55
CA GLU A 192 -8.50 5.85 -14.33
C GLU A 192 -9.71 6.69 -13.99
N CYS A 193 -9.54 8.01 -13.95
CA CYS A 193 -10.66 8.89 -13.64
C CYS A 193 -11.73 8.82 -14.72
N ASP A 194 -11.34 8.79 -15.98
CA ASP A 194 -12.33 8.74 -17.05
C ASP A 194 -13.19 7.47 -16.98
N ALA A 195 -12.60 6.36 -16.56
CA ALA A 195 -13.37 5.15 -16.45
C ALA A 195 -14.55 5.35 -15.46
N VAL A 196 -14.31 5.92 -14.29
N VAL A 196 -14.26 5.94 -14.33
CA VAL A 196 -15.41 6.19 -13.36
CA VAL A 196 -15.26 6.24 -13.34
C VAL A 196 -16.31 7.36 -13.80
C VAL A 196 -16.24 7.33 -13.79
N ARG A 197 -15.77 8.36 -14.49
CA ARG A 197 -16.65 9.40 -15.03
C ARG A 197 -17.66 8.82 -16.02
N ILE A 198 -17.19 7.96 -16.93
CA ILE A 198 -18.07 7.34 -17.93
C ILE A 198 -19.11 6.44 -17.26
N ALA A 199 -18.67 5.64 -16.31
CA ALA A 199 -19.57 4.77 -15.55
C ALA A 199 -20.63 5.62 -14.82
N ARG A 200 -20.20 6.69 -14.17
CA ARG A 200 -21.11 7.57 -13.45
C ARG A 200 -22.13 8.17 -14.43
N ASN A 201 -21.66 8.64 -15.57
CA ASN A 201 -22.57 9.21 -16.58
C ASN A 201 -23.60 8.16 -17.03
N ASN A 202 -23.16 6.92 -17.24
CA ASN A 202 -24.09 5.86 -17.67
C ASN A 202 -25.12 5.56 -16.60
N LEU A 203 -24.70 5.55 -15.34
CA LEU A 203 -25.63 5.42 -14.23
C LEU A 203 -26.68 6.55 -14.19
N GLU A 204 -26.23 7.79 -14.25
CA GLU A 204 -27.15 8.92 -14.14
C GLU A 204 -28.14 8.94 -15.31
N THR A 205 -27.65 8.60 -16.51
CA THR A 205 -28.55 8.53 -17.68
C THR A 205 -29.67 7.52 -17.42
N ALA A 206 -29.34 6.44 -16.74
CA ALA A 206 -30.31 5.37 -16.46
C ALA A 206 -31.19 5.67 -15.24
N GLY A 207 -30.96 6.80 -14.59
CA GLY A 207 -31.74 7.26 -13.42
C GLY A 207 -31.17 6.86 -12.07
N ILE A 208 -29.90 6.46 -12.04
CA ILE A 208 -29.24 5.94 -10.83
C ILE A 208 -28.30 7.00 -10.24
N HIS A 209 -28.50 7.26 -8.95
CA HIS A 209 -27.71 8.21 -8.18
C HIS A 209 -26.41 7.56 -7.68
N CYS A 210 -25.31 8.27 -7.84
N CYS A 210 -25.27 8.19 -7.99
CA CYS A 210 -23.99 7.78 -7.47
CA CYS A 210 -23.94 7.81 -7.47
C CYS A 210 -23.37 8.71 -6.43
C CYS A 210 -23.52 8.81 -6.41
N ALA A 211 -23.51 8.39 -5.15
CA ALA A 211 -23.08 9.30 -4.07
C ALA A 211 -21.57 9.57 -4.07
N ILE A 212 -20.78 8.54 -4.31
CA ILE A 212 -19.33 8.63 -4.21
C ILE A 212 -18.62 8.04 -5.45
N THR A 213 -17.67 8.78 -6.01
CA THR A 213 -16.71 8.24 -6.99
C THR A 213 -15.31 8.20 -6.33
N SER A 214 -14.64 7.07 -6.49
CA SER A 214 -13.38 6.80 -5.78
C SER A 214 -12.36 6.17 -6.73
N VAL A 215 -11.20 6.82 -6.86
CA VAL A 215 -10.11 6.35 -7.71
C VAL A 215 -8.86 6.25 -6.88
N GLY A 216 -7.88 5.50 -7.37
CA GLY A 216 -6.52 5.75 -6.89
C GLY A 216 -5.56 4.60 -6.81
N SER A 217 -4.30 4.97 -6.97
CA SER A 217 -3.11 4.21 -6.64
C SER A 217 -2.08 5.30 -6.32
N THR A 218 -0.92 4.93 -5.76
CA THR A 218 0.10 5.94 -5.46
C THR A 218 0.57 6.68 -6.73
N PRO A 219 0.87 5.93 -7.82
CA PRO A 219 1.27 6.67 -9.03
C PRO A 219 0.21 7.60 -9.56
N THR A 220 -1.04 7.15 -9.67
CA THR A 220 -2.06 8.02 -10.24
C THR A 220 -2.43 9.18 -9.30
N ALA A 221 -2.39 8.95 -8.00
CA ALA A 221 -2.66 10.03 -7.05
C ALA A 221 -1.60 11.15 -7.16
N HIS A 222 -0.35 10.77 -7.47
CA HIS A 222 0.76 11.73 -7.53
C HIS A 222 0.86 12.43 -8.87
N PHE A 223 0.20 11.92 -9.91
CA PHE A 223 0.33 12.50 -11.25
C PHE A 223 -0.97 12.97 -11.89
N GLY A 224 -2.13 12.57 -11.35
CA GLY A 224 -3.38 13.04 -11.94
C GLY A 224 -3.47 14.56 -11.90
N GLU A 225 -4.05 15.13 -12.95
CA GLU A 225 -4.10 16.58 -13.10
C GLU A 225 -5.45 17.19 -12.76
N ASP A 226 -6.48 16.36 -12.60
CA ASP A 226 -7.83 16.87 -12.36
C ASP A 226 -8.72 15.88 -11.58
N PHE A 227 -8.86 16.12 -10.29
CA PHE A 227 -9.74 15.35 -9.40
C PHE A 227 -10.96 16.17 -8.95
N SER A 228 -11.23 17.29 -9.62
CA SER A 228 -12.27 18.22 -9.18
C SER A 228 -13.70 17.64 -9.19
N ASP A 229 -13.93 16.61 -10.00
CA ASP A 229 -15.25 15.95 -10.05
C ASP A 229 -15.22 14.52 -9.54
N ILE A 230 -14.16 14.20 -8.79
CA ILE A 230 -13.98 12.85 -8.25
C ILE A 230 -14.07 13.00 -6.73
N SER A 231 -14.91 12.19 -6.07
CA SER A 231 -15.16 12.38 -4.63
C SER A 231 -13.93 12.19 -3.76
N GLU A 232 -13.15 11.17 -4.07
CA GLU A 232 -12.05 10.77 -3.20
C GLU A 232 -10.97 10.04 -4.00
N VAL A 233 -9.75 10.17 -3.50
CA VAL A 233 -8.57 9.56 -4.09
C VAL A 233 -7.94 8.67 -3.03
N ARG A 234 -7.62 7.44 -3.39
CA ARG A 234 -7.02 6.44 -2.47
C ARG A 234 -5.57 6.17 -2.85
N ALA A 235 -4.75 6.02 -1.80
CA ALA A 235 -3.35 5.67 -1.94
C ALA A 235 -2.86 5.14 -0.63
N GLY A 236 -1.83 4.31 -0.67
CA GLY A 236 -1.26 3.77 0.56
C GLY A 236 0.25 3.57 0.63
N VAL A 237 0.88 3.15 -0.47
CA VAL A 237 2.31 2.78 -0.39
C VAL A 237 3.18 4.04 -0.27
N TYR A 238 2.65 5.19 -0.68
CA TYR A 238 3.38 6.45 -0.54
C TYR A 238 3.78 6.79 0.90
N THR A 239 3.09 6.21 1.88
CA THR A 239 3.51 6.36 3.28
C THR A 239 5.03 6.21 3.41
N THR A 240 5.55 5.12 2.82
CA THR A 240 6.99 4.87 2.88
C THR A 240 7.72 4.84 1.54
N PHE A 241 7.00 4.70 0.44
CA PHE A 241 7.60 4.39 -0.85
C PHE A 241 8.45 3.13 -0.79
N ASP A 242 9.12 2.84 -1.91
CA ASP A 242 9.89 1.64 -2.12
C ASP A 242 10.58 1.76 -3.48
N LEU A 243 11.36 0.74 -3.84
CA LEU A 243 12.15 0.81 -5.07
C LEU A 243 11.35 0.74 -6.35
N VAL A 244 10.24 0.00 -6.31
CA VAL A 244 9.31 -0.01 -7.46
C VAL A 244 8.84 1.43 -7.75
N LYS A 246 10.36 4.23 -6.84
N LYS A 246 10.37 4.22 -6.85
CA LYS A 246 11.53 4.97 -7.27
CA LYS A 246 11.54 4.98 -7.28
C LYS A 246 11.72 4.80 -8.78
C LYS A 246 11.81 4.80 -8.78
N ASN A 247 11.65 3.56 -9.25
CA ASN A 247 11.81 3.29 -10.67
C ASN A 247 10.69 3.88 -11.55
N ILE A 248 9.46 3.89 -11.05
CA ILE A 248 8.33 4.52 -11.76
C ILE A 248 8.58 6.02 -11.87
N GLY A 249 9.23 6.57 -10.85
CA GLY A 249 9.59 7.98 -10.77
C GLY A 249 8.69 8.81 -9.89
N VAL A 250 7.98 8.16 -8.98
CA VAL A 250 7.13 8.88 -8.03
C VAL A 250 7.96 9.47 -6.88
N CYS A 251 9.15 8.94 -6.65
CA CYS A 251 10.00 9.38 -5.55
C CYS A 251 11.45 9.11 -5.97
N ASP A 252 12.42 9.57 -5.14
CA ASP A 252 13.80 9.14 -5.28
C ASP A 252 14.21 8.40 -4.01
N PHE A 253 15.47 8.03 -3.87
CA PHE A 253 15.87 7.25 -2.73
C PHE A 253 15.59 7.97 -1.38
N SER A 254 15.60 9.31 -1.36
CA SER A 254 15.51 10.10 -0.14
C SER A 254 14.13 9.99 0.49
N HIS A 255 13.13 9.59 -0.28
CA HIS A 255 11.75 9.50 0.23
C HIS A 255 11.40 8.16 0.81
N ILE A 256 12.27 7.18 0.62
CA ILE A 256 11.97 5.81 1.07
C ILE A 256 12.17 5.69 2.58
N ALA A 257 11.07 5.41 3.27
CA ALA A 257 11.03 5.50 4.73
C ALA A 257 11.05 4.14 5.41
N SER A 259 13.10 0.33 5.71
CA SER A 259 14.29 -0.50 5.44
C SER A 259 14.37 -1.63 6.45
N VAL A 260 15.07 -2.70 6.09
N VAL A 260 15.08 -2.70 6.10
CA VAL A 260 15.40 -3.80 6.98
CA VAL A 260 15.34 -3.79 7.02
C VAL A 260 16.82 -3.61 7.49
C VAL A 260 16.78 -3.75 7.50
N VAL A 261 16.94 -3.54 8.80
CA VAL A 261 18.28 -3.50 9.45
C VAL A 261 18.77 -4.94 9.56
N THR A 262 19.99 -5.17 9.08
CA THR A 262 20.56 -6.50 8.96
C THR A 262 22.01 -6.51 9.42
N THR A 263 22.48 -7.67 9.89
CA THR A 263 23.85 -7.86 10.33
C THR A 263 24.59 -8.75 9.33
N VAL A 264 25.83 -8.39 9.03
CA VAL A 264 26.74 -9.24 8.25
C VAL A 264 27.14 -10.41 9.13
N ILE A 265 26.84 -11.62 8.65
CA ILE A 265 27.13 -12.87 9.38
C ILE A 265 28.16 -13.75 8.71
N GLY A 266 28.61 -13.39 7.51
CA GLY A 266 29.67 -14.14 6.87
C GLY A 266 30.22 -13.47 5.63
N HIS A 267 31.30 -14.05 5.14
CA HIS A 267 32.04 -13.59 3.96
C HIS A 267 32.30 -14.80 3.04
N ASN A 268 32.35 -14.57 1.73
CA ASN A 268 33.05 -15.52 0.83
C ASN A 268 34.16 -14.77 0.12
N LYS A 269 35.43 -15.08 0.49
CA LYS A 269 36.58 -14.37 -0.06
C LYS A 269 36.75 -14.65 -1.56
N GLU A 270 36.56 -15.90 -1.96
N GLU A 270 36.57 -15.91 -1.95
CA GLU A 270 36.77 -16.30 -3.36
CA GLU A 270 36.80 -16.25 -3.35
C GLU A 270 35.84 -15.58 -4.31
C GLU A 270 35.88 -15.44 -4.25
N LYS A 271 34.60 -15.36 -3.88
CA LYS A 271 33.59 -14.76 -4.71
C LYS A 271 33.28 -13.31 -4.34
N ASN A 272 33.88 -12.77 -3.28
N ASN A 272 33.93 -12.78 -3.31
CA ASN A 272 33.63 -11.38 -2.83
CA ASN A 272 33.64 -11.45 -2.75
C ASN A 272 32.18 -11.17 -2.38
C ASN A 272 32.15 -11.26 -2.48
N TRP A 273 31.66 -12.10 -1.57
CA TRP A 273 30.31 -12.03 -1.05
C TRP A 273 30.28 -11.61 0.40
N LEU A 274 29.26 -10.82 0.74
CA LEU A 274 28.77 -10.68 2.11
C LEU A 274 27.55 -11.57 2.27
N LEU A 275 27.45 -12.25 3.41
CA LEU A 275 26.22 -12.93 3.79
C LEU A 275 25.64 -12.16 4.97
N THR A 276 24.35 -11.84 4.88
CA THR A 276 23.63 -11.12 5.94
C THR A 276 22.53 -12.01 6.49
N ASP A 277 21.93 -11.54 7.60
CA ASP A 277 20.74 -12.22 8.17
C ASP A 277 19.41 -11.72 7.57
N SER A 278 19.44 -11.17 6.36
CA SER A 278 18.25 -10.70 5.67
C SER A 278 17.90 -11.61 4.50
N GLY A 279 17.19 -12.70 4.82
CA GLY A 279 16.65 -13.61 3.84
C GLY A 279 15.27 -13.15 3.41
N TRP A 280 14.60 -14.01 2.64
CA TRP A 280 13.23 -13.72 2.24
C TRP A 280 12.26 -13.68 3.41
N ALA A 282 12.67 -11.99 5.96
CA ALA A 282 12.70 -10.57 6.34
C ALA A 282 12.32 -9.62 5.20
N LEU A 283 12.68 -9.97 3.97
CA LEU A 283 12.45 -9.09 2.83
C LEU A 283 11.23 -9.39 2.00
N SER A 284 10.72 -10.64 2.05
CA SER A 284 9.79 -11.22 1.09
C SER A 284 10.47 -11.58 -0.21
N ARG A 285 9.87 -12.45 -1.05
N ARG A 285 9.77 -12.39 -1.01
CA ARG A 285 10.41 -12.70 -2.43
CA ARG A 285 10.20 -12.82 -2.33
C ARG A 285 9.76 -11.86 -3.49
C ARG A 285 9.86 -11.83 -3.46
N ASP A 286 9.22 -10.70 -3.12
CA ASP A 286 8.80 -9.77 -4.13
C ASP A 286 10.02 -9.29 -4.94
N SER A 287 9.96 -9.42 -6.28
CA SER A 287 11.04 -8.96 -7.14
C SER A 287 10.52 -7.96 -8.16
N GLY A 288 9.68 -7.04 -7.68
CA GLY A 288 9.06 -6.06 -8.61
C GLY A 288 9.97 -5.28 -9.49
N THR A 289 11.18 -4.99 -9.00
CA THR A 289 12.12 -4.21 -9.79
C THR A 289 12.80 -4.97 -10.93
N ALA A 290 12.71 -6.30 -10.93
CA ALA A 290 13.34 -7.10 -12.02
C ALA A 290 12.68 -6.81 -13.37
N GLY A 291 11.40 -6.43 -13.34
N GLY A 291 11.39 -6.46 -13.33
CA GLY A 291 10.66 -6.10 -14.56
CA GLY A 291 10.65 -6.07 -14.53
C GLY A 291 10.74 -4.62 -14.96
C GLY A 291 10.54 -4.56 -14.68
N GLN A 292 11.60 -3.86 -14.27
CA GLN A 292 11.75 -2.41 -14.50
C GLN A 292 13.13 -2.15 -15.04
N ASN A 293 13.50 -0.88 -15.22
CA ASN A 293 14.72 -0.55 -15.93
C ASN A 293 15.97 -0.58 -15.05
N ARG A 294 15.77 -0.69 -13.74
CA ARG A 294 16.86 -0.86 -12.81
C ARG A 294 16.47 -1.99 -11.83
N ASP A 295 17.11 -3.15 -11.96
CA ASP A 295 16.85 -4.32 -11.12
C ASP A 295 17.69 -4.17 -9.85
N PHE A 296 17.02 -4.07 -8.69
CA PHE A 296 17.68 -4.00 -7.40
C PHE A 296 17.76 -5.34 -6.68
N GLY A 297 17.52 -6.45 -7.39
CA GLY A 297 17.56 -7.74 -6.74
C GLY A 297 16.51 -7.81 -5.65
N TYR A 298 16.88 -8.23 -4.45
CA TYR A 298 16.01 -8.22 -3.29
C TYR A 298 16.19 -7.01 -2.36
N GLY A 299 16.86 -6.00 -2.89
CA GLY A 299 16.87 -4.65 -2.28
C GLY A 299 18.18 -3.91 -2.38
N GLN A 300 18.11 -2.59 -2.37
CA GLN A 300 19.28 -1.72 -2.39
C GLN A 300 19.91 -1.67 -1.00
N VAL A 301 21.21 -1.92 -0.96
CA VAL A 301 21.97 -1.92 0.28
C VAL A 301 22.37 -0.50 0.64
N CYS A 302 22.22 -0.17 1.92
CA CYS A 302 22.50 1.15 2.47
C CYS A 302 23.34 0.98 3.74
N LYS A 303 24.06 2.06 4.07
CA LYS A 303 24.72 2.14 5.40
C LYS A 303 23.68 2.24 6.48
N ILE A 304 24.14 2.04 7.70
N ILE A 304 24.09 2.05 7.74
CA ILE A 304 23.28 2.13 8.85
CA ILE A 304 23.17 2.25 8.87
C ILE A 304 22.69 3.56 9.01
C ILE A 304 22.59 3.65 8.94
N ASP A 305 23.36 4.59 8.48
CA ASP A 305 22.88 5.99 8.44
C ASP A 305 21.85 6.21 7.32
N GLY A 306 21.54 5.19 6.50
CA GLY A 306 20.54 5.28 5.44
C GLY A 306 21.05 5.62 4.05
N SER A 307 22.31 6.02 3.93
N SER A 307 22.33 6.00 3.98
CA SER A 307 22.83 6.43 2.62
CA SER A 307 23.03 6.34 2.72
C SER A 307 23.09 5.22 1.73
C SER A 307 23.07 5.13 1.80
N VAL A 308 22.83 5.40 0.45
N VAL A 308 22.76 5.34 0.53
CA VAL A 308 22.89 4.29 -0.49
CA VAL A 308 22.88 4.25 -0.42
C VAL A 308 24.34 3.89 -0.79
C VAL A 308 24.36 3.88 -0.59
N LEU A 309 24.59 2.58 -0.73
CA LEU A 309 25.90 2.00 -1.08
C LEU A 309 25.87 1.66 -2.57
N ASP A 310 26.48 2.49 -3.40
CA ASP A 310 26.38 2.37 -4.85
C ASP A 310 26.79 0.98 -5.30
N GLY A 311 25.96 0.38 -6.12
CA GLY A 311 26.31 -0.87 -6.75
C GLY A 311 26.02 -2.11 -5.94
N LEU A 312 25.54 -1.95 -4.72
CA LEU A 312 25.32 -3.11 -3.85
C LEU A 312 23.83 -3.35 -3.67
N CYS A 313 23.46 -4.61 -3.90
N CYS A 313 23.43 -4.59 -3.94
CA CYS A 313 22.09 -5.08 -3.72
CA CYS A 313 22.08 -5.06 -3.66
C CYS A 313 22.14 -6.44 -3.04
C CYS A 313 22.13 -6.45 -3.07
N VAL A 314 21.01 -6.87 -2.47
CA VAL A 314 20.89 -8.25 -2.00
C VAL A 314 20.55 -9.07 -3.25
N ASN A 315 21.55 -9.72 -3.81
CA ASN A 315 21.37 -10.42 -5.09
C ASN A 315 20.55 -11.68 -5.00
N SER A 316 20.70 -12.40 -3.88
N SER A 316 20.59 -12.35 -3.86
CA SER A 316 20.00 -13.68 -3.67
CA SER A 316 19.84 -13.60 -3.71
C SER A 316 19.52 -13.74 -2.22
C SER A 316 19.58 -13.82 -2.23
N THR A 317 18.53 -14.59 -1.95
CA THR A 317 18.17 -14.89 -0.56
C THR A 317 17.85 -16.36 -0.42
N SER A 318 18.12 -16.89 0.77
N SER A 318 18.08 -16.87 0.79
CA SER A 318 17.40 -18.07 1.25
CA SER A 318 17.45 -18.10 1.26
C SER A 318 16.48 -17.64 2.40
C SER A 318 16.52 -17.66 2.39
N GLN A 319 16.04 -18.60 3.20
CA GLN A 319 14.99 -18.29 4.19
C GLN A 319 15.46 -17.21 5.21
N GLU A 320 16.65 -17.43 5.79
CA GLU A 320 17.15 -16.60 6.88
C GLU A 320 18.51 -15.95 6.59
N HIS A 321 18.97 -15.98 5.34
CA HIS A 321 20.16 -15.21 5.00
C HIS A 321 20.04 -14.64 3.60
N GLY A 322 20.79 -13.58 3.35
CA GLY A 322 20.91 -12.95 2.06
C GLY A 322 22.35 -12.89 1.62
N VAL A 323 22.55 -12.74 0.30
CA VAL A 323 23.89 -12.64 -0.27
C VAL A 323 24.02 -11.31 -1.03
N ILE A 324 25.07 -10.55 -0.71
CA ILE A 324 25.40 -9.31 -1.40
C ILE A 324 26.70 -9.57 -2.15
N GLU A 325 26.66 -9.54 -3.48
N GLU A 325 26.64 -9.55 -3.48
CA GLU A 325 27.87 -9.66 -4.26
CA GLU A 325 27.84 -9.59 -4.30
C GLU A 325 28.58 -8.30 -4.36
C GLU A 325 28.54 -8.23 -4.26
N LEU A 326 29.74 -8.18 -3.72
CA LEU A 326 30.48 -6.94 -3.74
C LEU A 326 31.03 -6.72 -5.13
N SER A 327 31.02 -5.46 -5.58
CA SER A 327 31.82 -5.12 -6.78
C SER A 327 33.27 -4.92 -6.39
N ASP A 328 34.17 -4.71 -7.39
CA ASP A 328 35.56 -4.55 -7.07
C ASP A 328 35.90 -3.18 -6.52
N ALA A 329 34.88 -2.34 -6.35
CA ALA A 329 35.05 -1.06 -5.67
C ALA A 329 35.08 -1.23 -4.16
N TYR A 330 34.68 -2.42 -3.66
CA TYR A 330 34.56 -2.63 -2.23
C TYR A 330 35.51 -3.71 -1.73
N GLN A 331 35.82 -3.65 -0.44
N GLN A 331 35.86 -3.65 -0.45
CA GLN A 331 36.67 -4.62 0.26
CA GLN A 331 36.67 -4.67 0.22
C GLN A 331 35.89 -5.32 1.37
C GLN A 331 35.86 -5.34 1.32
N LEU A 332 36.00 -6.66 1.43
CA LEU A 332 35.32 -7.42 2.51
C LEU A 332 35.64 -6.87 3.89
N GLU A 333 36.87 -6.41 4.06
N GLU A 333 36.88 -6.44 4.14
CA GLU A 333 37.40 -5.90 5.33
CA GLU A 333 37.26 -6.02 5.49
C GLU A 333 36.61 -4.76 5.92
C GLU A 333 36.62 -4.71 5.96
N ASP A 334 35.96 -3.99 5.06
CA ASP A 334 35.16 -2.84 5.45
C ASP A 334 33.75 -3.22 5.91
N PHE A 335 33.42 -4.50 5.78
CA PHE A 335 32.11 -5.02 6.22
C PHE A 335 32.33 -6.28 7.08
N PRO A 336 33.04 -6.15 8.21
CA PRO A 336 33.33 -7.32 9.04
C PRO A 336 32.07 -7.99 9.57
N VAL A 337 32.14 -9.28 9.91
CA VAL A 337 31.06 -9.93 10.59
C VAL A 337 30.71 -9.09 11.84
N GLY A 338 29.43 -8.79 11.96
CA GLY A 338 28.90 -7.90 12.99
C GLY A 338 28.58 -6.47 12.52
N HIS A 339 29.10 -6.10 11.34
CA HIS A 339 28.77 -4.82 10.72
C HIS A 339 27.30 -4.84 10.35
N GLN A 340 26.65 -3.70 10.39
CA GLN A 340 25.24 -3.60 10.07
C GLN A 340 24.94 -2.74 8.87
N LEU A 341 23.85 -3.06 8.19
CA LEU A 341 23.44 -2.43 6.93
C LEU A 341 21.93 -2.25 6.97
N ARG A 342 21.39 -1.45 6.06
CA ARG A 342 19.95 -1.32 5.87
C ARG A 342 19.58 -1.64 4.44
N ILE A 343 18.52 -2.42 4.27
CA ILE A 343 18.08 -2.84 2.93
C ILE A 343 16.76 -2.18 2.59
N PRO A 345 13.35 -1.91 0.41
CA PRO A 345 12.51 -2.94 -0.20
C PRO A 345 12.13 -2.68 -1.65
N ASN A 346 11.98 -3.76 -2.42
N ASN A 346 11.93 -3.74 -2.41
CA ASN A 346 11.29 -3.68 -3.70
CA ASN A 346 11.30 -3.61 -3.71
C ASN A 346 9.90 -3.09 -3.53
C ASN A 346 9.87 -3.12 -3.58
N HIS A 347 9.13 -3.75 -2.66
CA HIS A 347 7.69 -3.49 -2.53
C HIS A 347 7.35 -3.37 -1.05
N ALA A 348 7.05 -2.14 -0.64
CA ALA A 348 6.89 -1.88 0.80
C ALA A 348 5.80 -2.77 1.42
N CYS A 349 4.70 -2.91 0.70
CA CYS A 349 3.55 -3.70 1.17
C CYS A 349 3.97 -5.14 1.46
N ALA A 350 4.82 -5.69 0.57
CA ALA A 350 5.27 -7.09 0.65
C ALA A 350 6.31 -7.27 1.79
N THR A 351 7.22 -6.32 1.94
CA THR A 351 8.24 -6.44 2.98
C THR A 351 7.61 -6.27 4.36
N ALA A 352 6.69 -5.31 4.48
CA ALA A 352 6.04 -5.05 5.79
C ALA A 352 5.24 -6.29 6.27
N ALA A 353 4.72 -7.07 5.32
CA ALA A 353 3.95 -8.28 5.65
C ALA A 353 4.77 -9.29 6.43
N HIS A 355 6.80 -8.68 8.94
CA HIS A 355 7.23 -8.21 10.26
C HIS A 355 6.09 -8.02 11.22
N PRO A 356 6.05 -8.80 12.29
CA PRO A 356 5.01 -8.63 13.29
C PRO A 356 5.07 -7.33 14.07
N VAL A 357 6.28 -6.77 14.19
N VAL A 357 6.28 -6.79 14.17
CA VAL A 357 6.48 -5.50 14.88
CA VAL A 357 6.57 -5.54 14.88
C VAL A 357 7.45 -4.67 14.07
C VAL A 357 7.42 -4.68 13.96
N TYR A 358 7.20 -3.37 13.97
CA TYR A 358 8.08 -2.44 13.27
C TYR A 358 8.75 -1.58 14.32
N HIS A 359 10.02 -1.30 14.12
CA HIS A 359 10.70 -0.26 14.89
C HIS A 359 10.64 1.07 14.15
N VAL A 360 10.51 2.16 14.90
CA VAL A 360 10.24 3.46 14.32
C VAL A 360 11.24 4.48 14.84
N LEU A 361 11.98 5.07 13.92
CA LEU A 361 12.90 6.19 14.22
C LEU A 361 12.05 7.45 14.18
N SER A 363 10.94 11.37 14.65
CA SER A 363 11.58 12.57 14.14
C SER A 363 12.40 13.28 15.19
N ASP A 364 12.15 12.97 16.47
CA ASP A 364 12.94 13.52 17.56
C ASP A 364 14.08 12.63 17.99
N GLY A 365 14.35 11.59 17.21
CA GLY A 365 15.45 10.65 17.47
C GLY A 365 15.13 9.50 18.38
N SER A 366 13.92 9.47 18.95
CA SER A 366 13.54 8.42 19.87
C SER A 366 13.09 7.16 19.15
N HIS A 367 12.90 6.09 19.92
CA HIS A 367 12.60 4.77 19.41
C HIS A 367 11.19 4.38 19.84
N ASN A 368 10.34 4.06 18.86
N ASN A 368 10.31 4.12 18.86
CA ASN A 368 9.00 3.56 19.13
CA ASN A 368 8.98 3.58 19.14
C ASN A 368 8.87 2.21 18.42
C ASN A 368 8.83 2.25 18.40
N THR A 369 7.84 1.45 18.79
CA THR A 369 7.49 0.24 18.07
C THR A 369 6.00 0.23 17.77
N TRP A 370 5.65 -0.37 16.63
CA TRP A 370 4.26 -0.52 16.24
C TRP A 370 3.98 -2.00 15.97
N GLN A 371 2.82 -2.48 16.43
CA GLN A 371 2.38 -3.86 16.18
C GLN A 371 1.58 -3.95 14.89
N ARG A 372 1.96 -4.85 14.00
CA ARG A 372 1.20 -5.07 12.78
C ARG A 372 -0.09 -5.85 13.09
N ILE A 373 -1.17 -5.43 12.45
CA ILE A 373 -2.43 -6.14 12.48
C ILE A 373 -2.32 -7.25 11.39
N THR A 374 -2.30 -8.51 11.81
CA THR A 374 -2.07 -9.63 10.87
C THR A 374 -3.37 -10.43 10.66
N GLY A 375 -3.34 -11.29 9.65
CA GLY A 375 -4.44 -12.20 9.36
C GLY A 375 -5.58 -11.59 8.57
N TRP A 376 -6.72 -12.28 8.59
CA TRP A 376 -7.87 -11.97 7.77
C TRP A 376 -9.18 -11.89 8.55
#